data_6PRR
#
_entry.id   6PRR
#
_cell.length_a   44.354
_cell.length_b   51.430
_cell.length_c   79.460
_cell.angle_alpha   90.000
_cell.angle_beta   92.130
_cell.angle_gamma   90.000
#
_symmetry.space_group_name_H-M   'P 1 21 1'
#
loop_
_entity.id
_entity.type
_entity.pdbx_description
1 polymer 'Cytochrome P450'
2 non-polymer '3-(methylamino)benzoic acid'
3 non-polymer 'PROTOPORPHYRIN IX CONTAINING FE'
4 non-polymer 'CHLORIDE ION'
5 water water
#
_entity_poly.entity_id   1
_entity_poly.type   'polypeptide(L)'
_entity_poly.pdbx_seq_one_letter_code
;MISNSSAESISAPPNDSTIPHLAIDPFSLDFFDDPYPDQQTLRDAGPVVYLDKWNVYGVARYAEVHAVLNDPTTFCSSRG
VGLSDFKKEKPWRPPSLILEADPPAHTRPRAVLSKVLSPATMKTIRDGFAAAADAKVDELLQRGCIDAIADLAEAYPLSV
FPDAMGLKQEGREHLLPYAGLVFNAFGPPNELRQTAIERSAPHQAYVNEQCQRPNLAPGGFGACIHAFTDTGEITPDEAP
LLVRSLLSAGLDTTVNGIGAAVYCLARFPGELQRLRSDPTLARNAFEEAVRFESPVQTFFRTTTREVELGGAVIGEGEKV
LMFLGSANRDPRRWSDPDLYDITRKTSGHVGFGSGVHMCVGQLVARLEGEVMLSALARKVAAIDIDGPVKRRFNNTLRGL
ESLPVKLTPA
;
_entity_poly.pdbx_strand_id   A
#
# COMPACT_ATOMS: atom_id res chain seq x y z
N THR A 18 -21.11 -14.69 -22.15
CA THR A 18 -20.55 -13.43 -22.64
C THR A 18 -19.24 -13.12 -21.94
N ILE A 19 -19.24 -13.27 -20.62
CA ILE A 19 -18.05 -13.00 -19.81
C ILE A 19 -17.14 -14.22 -19.86
N PRO A 20 -15.84 -14.06 -20.15
CA PRO A 20 -14.93 -15.21 -20.10
C PRO A 20 -14.70 -15.67 -18.67
N HIS A 21 -14.63 -16.98 -18.49
CA HIS A 21 -14.37 -17.59 -17.18
C HIS A 21 -12.95 -18.12 -17.16
N LEU A 22 -12.19 -17.73 -16.14
CA LEU A 22 -10.80 -18.16 -16.00
C LEU A 22 -10.59 -18.89 -14.69
N ALA A 23 -9.66 -19.84 -14.71
CA ALA A 23 -9.30 -20.64 -13.55
C ALA A 23 -8.10 -20.07 -12.79
N ILE A 24 -7.52 -18.97 -13.27
CA ILE A 24 -6.38 -18.35 -12.60
C ILE A 24 -6.76 -18.03 -11.16
N ASP A 25 -5.88 -18.42 -10.22
CA ASP A 25 -6.01 -18.04 -8.83
C ASP A 25 -5.03 -16.90 -8.54
N PRO A 26 -5.50 -15.64 -8.45
CA PRO A 26 -4.58 -14.52 -8.21
C PRO A 26 -4.06 -14.46 -6.79
N PHE A 27 -4.43 -15.42 -5.93
CA PHE A 27 -3.94 -15.47 -4.55
C PHE A 27 -3.10 -16.73 -4.31
N SER A 28 -2.66 -17.39 -5.38
CA SER A 28 -1.83 -18.58 -5.27
C SER A 28 -0.36 -18.19 -5.21
N LEU A 29 0.46 -19.04 -4.59
CA LEU A 29 1.88 -18.71 -4.49
C LEU A 29 2.51 -18.61 -5.88
N ASP A 30 2.09 -19.46 -6.82
CA ASP A 30 2.63 -19.38 -8.17
C ASP A 30 2.36 -18.02 -8.80
N PHE A 31 1.15 -17.50 -8.62
CA PHE A 31 0.81 -16.19 -9.14
C PHE A 31 1.68 -15.11 -8.50
N PHE A 32 1.79 -15.13 -7.16
CA PHE A 32 2.61 -14.12 -6.48
C PHE A 32 4.05 -14.15 -6.98
N ASP A 33 4.58 -15.35 -7.25
CA ASP A 33 5.97 -15.47 -7.64
C ASP A 33 6.24 -14.78 -8.98
N ASP A 34 5.27 -14.79 -9.89
CA ASP A 34 5.44 -14.06 -11.13
C ASP A 34 4.07 -13.76 -11.69
N PRO A 35 3.50 -12.60 -11.34
CA PRO A 35 2.10 -12.33 -11.72
C PRO A 35 1.92 -11.77 -13.11
N TYR A 36 3.00 -11.42 -13.82
CA TYR A 36 2.80 -10.58 -15.00
C TYR A 36 2.20 -11.34 -16.18
N PRO A 37 2.60 -12.59 -16.47
CA PRO A 37 1.91 -13.30 -17.57
C PRO A 37 0.44 -13.49 -17.30
N ASP A 38 0.08 -13.92 -16.08
CA ASP A 38 -1.35 -14.13 -15.80
C ASP A 38 -2.12 -12.81 -15.82
N GLN A 39 -1.48 -11.71 -15.41
CA GLN A 39 -2.16 -10.41 -15.49
C GLN A 39 -2.42 -10.02 -16.94
N GLN A 40 -1.49 -10.31 -17.87
CA GLN A 40 -1.80 -10.05 -19.26
C GLN A 40 -2.94 -10.95 -19.74
N THR A 41 -2.94 -12.22 -19.33
CA THR A 41 -4.05 -13.10 -19.70
C THR A 41 -5.38 -12.55 -19.19
N LEU A 42 -5.40 -12.01 -17.96
CA LEU A 42 -6.62 -11.42 -17.41
C LEU A 42 -7.03 -10.18 -18.18
N ARG A 43 -6.07 -9.33 -18.57
CA ARG A 43 -6.43 -8.13 -19.33
C ARG A 43 -6.95 -8.50 -20.71
N ASP A 44 -6.27 -9.44 -21.37
CA ASP A 44 -6.57 -9.69 -22.78
C ASP A 44 -7.79 -10.57 -22.96
N ALA A 45 -8.22 -11.26 -21.91
CA ALA A 45 -9.44 -12.07 -22.02
C ALA A 45 -10.67 -11.24 -22.25
N GLY A 46 -10.69 -9.99 -21.75
CA GLY A 46 -11.83 -9.11 -21.87
C GLY A 46 -11.81 -8.04 -20.80
N PRO A 47 -12.62 -7.00 -20.95
CA PRO A 47 -12.66 -5.95 -19.92
C PRO A 47 -13.18 -6.44 -18.57
N VAL A 48 -14.02 -7.47 -18.55
CA VAL A 48 -14.52 -8.07 -17.32
C VAL A 48 -14.40 -9.57 -17.44
N VAL A 49 -13.81 -10.21 -16.43
CA VAL A 49 -13.67 -11.65 -16.38
C VAL A 49 -14.41 -12.18 -15.16
N TYR A 50 -14.69 -13.49 -15.18
CA TYR A 50 -15.20 -14.19 -14.01
C TYR A 50 -14.13 -15.17 -13.55
N LEU A 51 -13.74 -15.08 -12.27
CA LEU A 51 -12.74 -15.97 -11.69
C LEU A 51 -13.47 -17.13 -11.00
N ASP A 52 -13.50 -18.29 -11.66
CA ASP A 52 -14.22 -19.46 -11.13
C ASP A 52 -13.66 -19.96 -9.82
N LYS A 53 -12.38 -19.69 -9.52
CA LYS A 53 -11.78 -20.21 -8.30
C LYS A 53 -12.43 -19.63 -7.06
N TRP A 54 -12.88 -18.37 -7.12
CA TRP A 54 -13.40 -17.67 -5.96
C TRP A 54 -14.79 -17.09 -6.18
N ASN A 55 -15.40 -17.30 -7.35
CA ASN A 55 -16.73 -16.78 -7.65
C ASN A 55 -16.81 -15.26 -7.49
N VAL A 56 -15.88 -14.55 -8.17
CA VAL A 56 -15.86 -13.10 -8.19
C VAL A 56 -15.64 -12.63 -9.62
N TYR A 57 -16.07 -11.42 -9.89
CA TYR A 57 -15.71 -10.75 -11.13
C TYR A 57 -14.34 -10.12 -10.97
N GLY A 58 -13.62 -10.01 -12.08
CA GLY A 58 -12.33 -9.34 -12.08
C GLY A 58 -12.22 -8.30 -13.18
N VAL A 59 -11.54 -7.19 -12.85
CA VAL A 59 -11.17 -6.20 -13.85
C VAL A 59 -9.68 -5.95 -13.75
N ALA A 60 -8.95 -6.12 -14.86
CA ALA A 60 -7.50 -5.96 -14.84
C ALA A 60 -6.97 -4.87 -15.75
N ARG A 61 -7.81 -4.29 -16.62
CA ARG A 61 -7.37 -3.17 -17.43
C ARG A 61 -7.51 -1.86 -16.67
N TYR A 62 -6.67 -0.88 -17.05
CA TYR A 62 -6.69 0.43 -16.41
C TYR A 62 -8.09 1.05 -16.45
N ALA A 63 -8.73 1.02 -17.63
CA ALA A 63 -10.01 1.72 -17.81
C ALA A 63 -11.07 1.25 -16.80
N GLU A 64 -11.27 -0.07 -16.69
CA GLU A 64 -12.32 -0.59 -15.81
C GLU A 64 -11.94 -0.46 -14.34
N VAL A 65 -10.65 -0.64 -14.00
CA VAL A 65 -10.22 -0.44 -12.62
C VAL A 65 -10.49 1.01 -12.21
N HIS A 66 -10.14 1.94 -13.08
CA HIS A 66 -10.38 3.36 -12.79
C HIS A 66 -11.87 3.65 -12.67
N ALA A 67 -12.68 3.07 -13.57
CA ALA A 67 -14.13 3.30 -13.51
C ALA A 67 -14.72 2.76 -12.22
N VAL A 68 -14.29 1.57 -11.80
CA VAL A 68 -14.84 0.97 -10.58
C VAL A 68 -14.46 1.82 -9.37
N LEU A 69 -13.18 2.19 -9.27
CA LEU A 69 -12.73 3.02 -8.15
C LEU A 69 -13.55 4.29 -8.03
N ASN A 70 -13.94 4.89 -9.17
CA ASN A 70 -14.55 6.21 -9.17
C ASN A 70 -16.07 6.17 -9.17
N ASP A 71 -16.68 5.00 -8.95
CA ASP A 71 -18.13 4.90 -8.73
C ASP A 71 -18.34 4.16 -7.42
N PRO A 72 -18.14 4.84 -6.29
CA PRO A 72 -18.32 4.17 -4.99
C PRO A 72 -19.76 3.89 -4.63
N THR A 73 -20.72 4.60 -5.25
CA THR A 73 -22.12 4.26 -5.01
C THR A 73 -22.44 2.86 -5.53
N THR A 74 -22.01 2.56 -6.74
CA THR A 74 -22.31 1.26 -7.33
C THR A 74 -21.38 0.18 -6.81
N PHE A 75 -20.10 0.52 -6.64
CA PHE A 75 -19.07 -0.43 -6.24
C PHE A 75 -18.63 -0.02 -4.84
N CYS A 76 -19.34 -0.51 -3.84
CA CYS A 76 -19.21 0.02 -2.50
C CYS A 76 -18.08 -0.66 -1.73
N SER A 77 -17.68 -0.02 -0.63
CA SER A 77 -16.66 -0.56 0.26
C SER A 77 -17.19 -1.06 1.60
N SER A 78 -18.44 -0.71 1.98
CA SER A 78 -18.94 -1.06 3.30
C SER A 78 -19.32 -2.53 3.44
N ARG A 79 -19.37 -3.28 2.34
CA ARG A 79 -19.50 -4.73 2.44
C ARG A 79 -18.13 -5.42 2.41
N GLY A 80 -17.06 -4.66 2.62
CA GLY A 80 -15.71 -5.19 2.71
C GLY A 80 -14.93 -4.97 1.43
N VAL A 81 -13.63 -4.72 1.55
CA VAL A 81 -12.75 -4.61 0.39
C VAL A 81 -11.86 -5.84 0.25
N GLY A 82 -12.11 -6.88 1.06
CA GLY A 82 -11.58 -8.20 0.84
C GLY A 82 -12.62 -9.09 0.17
N LEU A 83 -12.29 -10.38 0.06
CA LEU A 83 -13.21 -11.31 -0.59
C LEU A 83 -14.50 -11.43 0.21
N SER A 84 -14.40 -11.45 1.54
CA SER A 84 -15.58 -11.64 2.38
C SER A 84 -16.57 -10.50 2.22
N ASP A 85 -17.85 -10.88 2.12
CA ASP A 85 -18.96 -9.95 2.02
C ASP A 85 -19.55 -9.78 3.41
N PHE A 86 -19.42 -8.58 3.99
CA PHE A 86 -19.89 -8.34 5.36
C PHE A 86 -21.39 -8.53 5.50
N LYS A 87 -22.14 -8.54 4.39
CA LYS A 87 -23.56 -8.86 4.45
C LYS A 87 -23.77 -10.35 4.71
N LYS A 88 -22.78 -11.18 4.42
CA LYS A 88 -22.88 -12.63 4.54
C LYS A 88 -22.06 -13.20 5.69
N GLU A 89 -20.91 -12.60 6.02
CA GLU A 89 -20.02 -13.13 7.04
C GLU A 89 -19.62 -12.01 7.98
N LYS A 90 -19.30 -12.38 9.22
CA LYS A 90 -18.83 -11.40 10.19
C LYS A 90 -17.41 -10.97 9.82
N PRO A 91 -17.10 -9.67 9.85
CA PRO A 91 -15.70 -9.25 9.63
C PRO A 91 -14.81 -9.80 10.73
N TRP A 92 -13.55 -10.07 10.36
CA TRP A 92 -12.64 -10.68 11.33
C TRP A 92 -12.25 -9.72 12.45
N ARG A 93 -12.40 -8.42 12.25
CA ARG A 93 -12.21 -7.39 13.26
C ARG A 93 -13.25 -6.32 12.96
N PRO A 94 -13.57 -5.45 13.93
CA PRO A 94 -14.53 -4.36 13.66
C PRO A 94 -14.14 -3.58 12.42
N PRO A 95 -15.10 -3.23 11.56
CA PRO A 95 -14.76 -2.59 10.29
C PRO A 95 -14.03 -1.28 10.50
N SER A 96 -13.09 -1.00 9.60
CA SER A 96 -12.46 0.29 9.55
C SER A 96 -13.49 1.37 9.26
N LEU A 97 -13.40 2.48 9.99
CA LEU A 97 -14.33 3.59 9.82
C LEU A 97 -14.08 4.37 8.53
N ILE A 98 -12.99 4.08 7.84
CA ILE A 98 -12.67 4.83 6.63
C ILE A 98 -12.58 3.86 5.44
N LEU A 99 -11.72 2.83 5.52
CA LEU A 99 -11.54 1.94 4.38
C LEU A 99 -12.81 1.17 4.06
N GLU A 100 -13.54 0.76 5.09
CA GLU A 100 -14.67 -0.13 4.95
C GLU A 100 -15.98 0.60 5.22
N ALA A 101 -16.02 1.86 4.81
CA ALA A 101 -17.20 2.71 4.92
C ALA A 101 -17.45 3.40 3.60
N ASP A 102 -18.70 3.70 3.34
CA ASP A 102 -19.14 4.43 2.17
C ASP A 102 -19.58 5.82 2.56
N PRO A 103 -19.59 6.76 1.62
CA PRO A 103 -20.25 8.04 1.87
C PRO A 103 -21.73 7.81 2.13
N PRO A 104 -22.34 8.57 3.05
CA PRO A 104 -21.76 9.69 3.78
C PRO A 104 -20.99 9.32 5.05
N ALA A 105 -21.12 8.08 5.56
CA ALA A 105 -20.45 7.75 6.82
C ALA A 105 -18.94 7.87 6.71
N HIS A 106 -18.39 7.65 5.51
CA HIS A 106 -16.96 7.75 5.25
C HIS A 106 -16.44 9.18 5.41
N THR A 107 -17.29 10.18 5.16
CA THR A 107 -16.80 11.51 4.79
C THR A 107 -16.12 12.23 5.94
N ARG A 108 -16.73 12.22 7.12
CA ARG A 108 -16.14 13.00 8.19
C ARG A 108 -14.90 12.35 8.78
N PRO A 109 -14.88 11.03 9.03
CA PRO A 109 -13.61 10.39 9.43
C PRO A 109 -12.51 10.58 8.40
N ARG A 110 -12.85 10.55 7.11
CA ARG A 110 -11.84 10.79 6.08
C ARG A 110 -11.27 12.21 6.18
N ALA A 111 -12.14 13.19 6.44
CA ALA A 111 -11.68 14.57 6.54
C ALA A 111 -10.73 14.74 7.73
N VAL A 112 -10.99 14.03 8.83
CA VAL A 112 -10.10 14.10 9.99
C VAL A 112 -8.73 13.51 9.66
N LEU A 113 -8.69 12.35 9.00
CA LEU A 113 -7.38 11.81 8.63
C LEU A 113 -6.69 12.67 7.59
N SER A 114 -7.46 13.31 6.69
N SER A 114 -7.46 13.27 6.67
CA SER A 114 -6.87 14.23 5.74
CA SER A 114 -6.88 14.25 5.74
C SER A 114 -6.20 15.41 6.45
C SER A 114 -6.17 15.36 6.49
N LYS A 115 -6.81 15.91 7.54
CA LYS A 115 -6.20 17.02 8.26
C LYS A 115 -5.06 16.57 9.15
N VAL A 116 -5.14 15.37 9.70
CA VAL A 116 -4.05 14.85 10.52
C VAL A 116 -2.79 14.63 9.68
N LEU A 117 -2.96 14.16 8.44
CA LEU A 117 -1.86 13.86 7.53
C LEU A 117 -1.78 14.89 6.40
N SER A 118 -1.96 16.16 6.76
CA SER A 118 -2.23 17.21 5.79
C SER A 118 -0.95 17.75 5.18
N PRO A 119 -1.06 18.43 4.04
CA PRO A 119 0.11 19.12 3.47
C PRO A 119 0.84 19.94 4.52
N ALA A 120 0.11 20.71 5.32
CA ALA A 120 0.75 21.50 6.37
C ALA A 120 1.44 20.63 7.41
N THR A 121 0.91 19.43 7.69
CA THR A 121 1.54 18.57 8.71
C THR A 121 2.89 18.02 8.24
N MET A 122 3.05 17.79 6.94
CA MET A 122 4.31 17.25 6.48
C MET A 122 5.47 18.18 6.81
N LYS A 123 5.20 19.49 6.86
CA LYS A 123 6.27 20.43 7.22
C LYS A 123 6.81 20.17 8.62
N THR A 124 5.98 19.73 9.56
CA THR A 124 6.50 19.51 10.92
C THR A 124 7.37 18.27 11.03
N ILE A 125 7.27 17.30 10.10
CA ILE A 125 8.01 16.05 10.24
C ILE A 125 9.14 15.89 9.22
N ARG A 126 9.21 16.74 8.19
CA ARG A 126 10.11 16.48 7.07
C ARG A 126 11.58 16.50 7.48
N ASP A 127 11.98 17.47 8.30
CA ASP A 127 13.39 17.55 8.68
C ASP A 127 13.84 16.28 9.38
N GLY A 128 13.03 15.77 10.30
CA GLY A 128 13.41 14.58 11.05
C GLY A 128 13.42 13.34 10.18
N PHE A 129 12.43 13.21 9.28
CA PHE A 129 12.40 12.08 8.36
C PHE A 129 13.61 12.09 7.44
N ALA A 130 13.99 13.27 6.97
CA ALA A 130 15.14 13.38 6.07
C ALA A 130 16.44 13.07 6.80
N ALA A 131 16.62 13.61 8.01
CA ALA A 131 17.82 13.28 8.78
C ALA A 131 17.93 11.79 9.07
N ALA A 132 16.80 11.14 9.40
CA ALA A 132 16.84 9.71 9.65
C ALA A 132 17.19 8.92 8.40
N ALA A 133 16.74 9.38 7.23
CA ALA A 133 17.06 8.72 5.98
C ALA A 133 18.54 8.84 5.66
N ASP A 134 19.08 10.05 5.79
CA ASP A 134 20.51 10.25 5.58
C ASP A 134 21.32 9.41 6.56
N ALA A 135 20.91 9.39 7.83
CA ALA A 135 21.67 8.64 8.83
C ALA A 135 21.67 7.15 8.52
N LYS A 136 20.53 6.62 8.07
CA LYS A 136 20.46 5.20 7.74
C LYS A 136 21.39 4.87 6.58
N VAL A 137 21.39 5.70 5.54
CA VAL A 137 22.24 5.39 4.40
C VAL A 137 23.71 5.47 4.80
N ASP A 138 24.08 6.45 5.63
CA ASP A 138 25.45 6.52 6.12
C ASP A 138 25.82 5.26 6.89
N GLU A 139 24.92 4.81 7.77
CA GLU A 139 25.15 3.60 8.55
C GLU A 139 25.31 2.39 7.64
N LEU A 140 24.44 2.28 6.64
CA LEU A 140 24.51 1.12 5.75
C LEU A 140 25.80 1.12 4.93
N LEU A 141 26.28 2.31 4.53
CA LEU A 141 27.51 2.42 3.77
C LEU A 141 28.72 1.97 4.58
N GLN A 142 28.66 2.07 5.91
CA GLN A 142 29.75 1.54 6.73
C GLN A 142 29.82 0.02 6.67
N ARG A 143 28.68 -0.65 6.52
CA ARG A 143 28.66 -2.11 6.39
C ARG A 143 28.89 -2.60 4.97
N GLY A 144 28.51 -1.80 3.97
CA GLY A 144 28.74 -2.13 2.57
C GLY A 144 27.75 -3.13 2.00
N CYS A 145 27.79 -4.36 2.52
CA CYS A 145 26.89 -5.43 2.11
C CYS A 145 25.77 -5.55 3.15
N ILE A 146 24.53 -5.30 2.73
CA ILE A 146 23.38 -5.22 3.62
C ILE A 146 22.21 -5.97 2.97
N ASP A 147 21.15 -6.14 3.74
CA ASP A 147 19.89 -6.63 3.21
C ASP A 147 18.97 -5.43 3.05
N ALA A 148 18.64 -5.08 1.80
CA ALA A 148 17.86 -3.87 1.59
C ALA A 148 16.43 -3.97 2.10
N ILE A 149 15.99 -5.16 2.53
CA ILE A 149 14.66 -5.24 3.14
C ILE A 149 14.84 -4.99 4.64
N ALA A 150 15.36 -5.98 5.38
CA ALA A 150 15.48 -5.82 6.82
C ALA A 150 16.23 -4.53 7.20
N ASP A 151 17.31 -4.23 6.49
CA ASP A 151 18.21 -3.18 6.95
C ASP A 151 17.86 -1.79 6.43
N LEU A 152 16.94 -1.70 5.47
CA LEU A 152 16.63 -0.41 4.86
C LEU A 152 15.12 -0.23 4.75
N ALA A 153 14.47 -1.05 3.91
CA ALA A 153 13.04 -0.89 3.66
C ALA A 153 12.22 -1.07 4.94
N GLU A 154 12.63 -1.99 5.80
CA GLU A 154 11.98 -2.14 7.10
C GLU A 154 12.56 -1.19 8.13
N ALA A 155 13.88 -1.13 8.23
CA ALA A 155 14.50 -0.37 9.31
C ALA A 155 14.16 1.11 9.24
N TYR A 156 14.17 1.71 8.03
CA TYR A 156 13.93 3.15 7.97
C TYR A 156 12.51 3.51 8.41
N PRO A 157 11.43 2.92 7.86
CA PRO A 157 10.09 3.29 8.37
C PRO A 157 9.92 2.97 9.84
N LEU A 158 10.52 1.87 10.32
CA LEU A 158 10.45 1.60 11.75
C LEU A 158 11.13 2.69 12.56
N SER A 159 12.11 3.37 11.97
CA SER A 159 12.84 4.41 12.70
C SER A 159 12.11 5.75 12.74
N VAL A 160 11.07 5.97 11.93
CA VAL A 160 10.39 7.25 11.87
C VAL A 160 8.89 7.14 12.14
N PHE A 161 8.21 6.09 11.63
CA PHE A 161 6.74 6.14 11.64
C PHE A 161 6.16 5.84 13.03
N PRO A 162 6.61 4.80 13.75
CA PRO A 162 6.11 4.63 15.13
C PRO A 162 6.32 5.86 15.99
N ASP A 163 7.46 6.54 15.87
CA ASP A 163 7.63 7.77 16.63
C ASP A 163 6.67 8.86 16.17
N ALA A 164 6.45 8.98 14.85
CA ALA A 164 5.53 10.01 14.35
C ALA A 164 4.10 9.73 14.79
N MET A 165 3.77 8.46 15.02
CA MET A 165 2.47 8.10 15.58
C MET A 165 2.36 8.49 17.03
N GLY A 166 3.49 8.56 17.74
CA GLY A 166 3.47 8.72 19.18
C GLY A 166 3.42 7.44 20.00
N LEU A 167 3.88 6.32 19.44
CA LEU A 167 3.89 5.05 20.17
C LEU A 167 5.06 4.97 21.14
N LYS A 168 4.82 4.30 22.26
CA LYS A 168 5.93 3.95 23.15
C LYS A 168 6.88 2.99 22.43
N GLN A 169 8.06 2.80 23.03
CA GLN A 169 9.05 1.89 22.46
C GLN A 169 8.63 0.43 22.60
N GLU A 170 8.15 0.04 23.78
CA GLU A 170 7.87 -1.36 24.05
C GLU A 170 6.76 -1.88 23.14
N GLY A 171 6.99 -3.07 22.57
CA GLY A 171 5.99 -3.77 21.82
C GLY A 171 5.94 -3.44 20.35
N ARG A 172 6.84 -2.60 19.84
CA ARG A 172 6.78 -2.24 18.43
C ARG A 172 6.99 -3.43 17.51
N GLU A 173 7.57 -4.53 18.01
CA GLU A 173 7.73 -5.73 17.22
C GLU A 173 6.39 -6.32 16.77
N HIS A 174 5.27 -5.88 17.37
CA HIS A 174 3.95 -6.33 16.93
C HIS A 174 3.48 -5.66 15.65
N LEU A 175 4.10 -4.57 15.21
CA LEU A 175 3.47 -3.71 14.21
C LEU A 175 3.50 -4.36 12.83
N LEU A 176 4.66 -4.84 12.40
CA LEU A 176 4.73 -5.48 11.09
C LEU A 176 3.91 -6.77 11.04
N PRO A 177 3.94 -7.64 12.08
CA PRO A 177 3.04 -8.81 12.04
C PRO A 177 1.57 -8.43 11.99
N TYR A 178 1.16 -7.40 12.74
CA TYR A 178 -0.24 -7.00 12.70
C TYR A 178 -0.64 -6.54 11.30
N ALA A 179 0.20 -5.72 10.68
CA ALA A 179 -0.13 -5.22 9.35
C ALA A 179 -0.12 -6.34 8.32
N GLY A 180 0.83 -7.27 8.43
CA GLY A 180 0.82 -8.41 7.53
C GLY A 180 -0.46 -9.22 7.65
N LEU A 181 -0.93 -9.39 8.89
CA LEU A 181 -2.22 -10.04 9.16
C LEU A 181 -3.37 -9.31 8.47
N VAL A 182 -3.45 -7.99 8.66
CA VAL A 182 -4.54 -7.22 8.08
C VAL A 182 -4.57 -7.40 6.57
N PHE A 183 -3.42 -7.25 5.92
CA PHE A 183 -3.40 -7.38 4.47
C PHE A 183 -3.64 -8.82 4.02
N ASN A 184 -3.19 -9.82 4.79
CA ASN A 184 -3.55 -11.19 4.42
C ASN A 184 -5.05 -11.42 4.56
N ALA A 185 -5.71 -10.74 5.51
CA ALA A 185 -7.12 -10.97 5.80
C ALA A 185 -8.04 -10.43 4.71
N PHE A 186 -7.57 -9.54 3.81
CA PHE A 186 -8.39 -9.17 2.67
C PHE A 186 -8.52 -10.32 1.67
N GLY A 187 -7.64 -11.32 1.74
CA GLY A 187 -7.66 -12.37 0.75
C GLY A 187 -8.75 -13.40 1.00
N PRO A 188 -8.79 -14.38 0.12
CA PRO A 188 -9.72 -15.50 0.28
C PRO A 188 -9.28 -16.39 1.43
N PRO A 189 -10.14 -17.29 1.89
CA PRO A 189 -9.78 -18.16 3.02
C PRO A 189 -8.83 -19.26 2.62
N ASN A 190 -7.63 -18.87 2.17
CA ASN A 190 -6.58 -19.81 1.87
C ASN A 190 -5.69 -19.97 3.10
N GLU A 191 -4.59 -20.73 2.95
CA GLU A 191 -3.74 -21.01 4.09
C GLU A 191 -3.04 -19.74 4.58
N LEU A 192 -2.62 -18.86 3.68
CA LEU A 192 -2.03 -17.59 4.12
C LEU A 192 -2.97 -16.84 5.05
N ARG A 193 -4.27 -16.82 4.73
CA ARG A 193 -5.21 -16.10 5.57
C ARG A 193 -5.49 -16.86 6.85
N GLN A 194 -5.72 -18.16 6.74
CA GLN A 194 -6.02 -18.99 7.91
C GLN A 194 -4.92 -18.88 8.96
N THR A 195 -3.67 -18.99 8.53
CA THR A 195 -2.56 -18.96 9.44
C THR A 195 -2.40 -17.58 10.08
N ALA A 196 -2.59 -16.52 9.30
CA ALA A 196 -2.50 -15.18 9.85
C ALA A 196 -3.49 -14.99 10.99
N ILE A 197 -4.75 -15.37 10.77
CA ILE A 197 -5.76 -15.15 11.79
C ILE A 197 -5.49 -16.03 13.01
N GLU A 198 -4.96 -17.24 12.80
CA GLU A 198 -4.59 -18.13 13.90
C GLU A 198 -3.62 -17.48 14.87
N ARG A 199 -2.69 -16.69 14.35
CA ARG A 199 -1.63 -16.10 15.16
C ARG A 199 -1.94 -14.68 15.63
N SER A 200 -3.17 -14.21 15.43
CA SER A 200 -3.44 -12.77 15.47
C SER A 200 -3.62 -12.20 16.88
N ALA A 201 -4.04 -13.01 17.85
CA ALA A 201 -4.51 -12.48 19.13
C ALA A 201 -3.52 -11.55 19.83
N PRO A 202 -2.23 -11.87 19.96
CA PRO A 202 -1.31 -10.93 20.65
C PRO A 202 -1.10 -9.62 19.92
N HIS A 203 -1.05 -9.65 18.59
CA HIS A 203 -0.85 -8.43 17.82
C HIS A 203 -2.08 -7.54 17.89
N GLN A 204 -3.25 -8.14 17.77
CA GLN A 204 -4.49 -7.39 17.92
C GLN A 204 -4.56 -6.73 19.30
N ALA A 205 -4.18 -7.45 20.35
CA ALA A 205 -4.27 -6.90 21.70
C ALA A 205 -3.35 -5.71 21.87
N TYR A 206 -2.11 -5.82 21.38
CA TYR A 206 -1.18 -4.72 21.48
C TYR A 206 -1.70 -3.50 20.73
N VAL A 207 -2.17 -3.70 19.50
CA VAL A 207 -2.56 -2.58 18.64
C VAL A 207 -3.78 -1.88 19.23
N ASN A 208 -4.80 -2.64 19.62
CA ASN A 208 -5.98 -2.01 20.18
C ASN A 208 -5.62 -1.18 21.41
N GLU A 209 -4.67 -1.65 22.22
CA GLU A 209 -4.31 -0.89 23.43
C GLU A 209 -3.59 0.43 23.10
N GLN A 210 -2.70 0.42 22.10
CA GLN A 210 -2.00 1.66 21.75
C GLN A 210 -2.93 2.70 21.14
N CYS A 211 -4.15 2.32 20.74
CA CYS A 211 -5.06 3.27 20.12
C CYS A 211 -5.78 4.15 21.13
N GLN A 212 -5.70 3.83 22.42
CA GLN A 212 -6.34 4.64 23.44
C GLN A 212 -5.55 5.91 23.70
N ARG A 213 -6.28 7.00 23.92
CA ARG A 213 -5.68 8.34 24.03
C ARG A 213 -4.48 8.41 24.98
N PRO A 214 -4.51 7.86 26.20
CA PRO A 214 -3.35 8.03 27.09
C PRO A 214 -2.07 7.39 26.59
N ASN A 215 -2.14 6.51 25.61
CA ASN A 215 -0.97 5.76 25.17
C ASN A 215 -0.28 6.40 23.97
N LEU A 216 -0.74 7.58 23.53
CA LEU A 216 -0.21 8.22 22.33
C LEU A 216 0.44 9.55 22.71
N ALA A 217 1.72 9.68 22.37
CA ALA A 217 2.52 10.78 22.89
C ALA A 217 2.08 12.12 22.30
N PRO A 218 2.26 13.21 23.04
CA PRO A 218 1.83 14.52 22.55
C PRO A 218 2.42 14.84 21.20
N GLY A 219 1.61 15.48 20.35
CA GLY A 219 2.08 15.98 19.08
C GLY A 219 2.14 14.98 17.94
N GLY A 220 1.99 13.68 18.21
CA GLY A 220 2.05 12.70 17.16
C GLY A 220 0.69 12.52 16.48
N PHE A 221 0.67 11.67 15.45
CA PHE A 221 -0.53 11.50 14.64
C PHE A 221 -1.68 10.99 15.50
N GLY A 222 -1.40 10.06 16.42
CA GLY A 222 -2.46 9.49 17.24
C GLY A 222 -3.10 10.52 18.14
N ALA A 223 -2.28 11.34 18.82
CA ALA A 223 -2.82 12.39 19.66
C ALA A 223 -3.60 13.41 18.84
N CYS A 224 -3.17 13.67 17.60
CA CYS A 224 -3.88 14.61 16.75
CA CYS A 224 -3.89 14.62 16.79
C CYS A 224 -5.25 14.09 16.38
N ILE A 225 -5.37 12.79 16.11
CA ILE A 225 -6.69 12.20 15.83
C ILE A 225 -7.61 12.42 17.02
N HIS A 226 -7.13 12.07 18.22
CA HIS A 226 -7.97 12.24 19.41
C HIS A 226 -8.33 13.71 19.61
N ALA A 227 -7.42 14.63 19.28
CA ALA A 227 -7.72 16.04 19.46
C ALA A 227 -8.87 16.51 18.57
N PHE A 228 -9.16 15.79 17.48
CA PHE A 228 -10.26 16.21 16.60
C PHE A 228 -11.62 15.79 17.13
N THR A 229 -11.66 15.07 18.24
CA THR A 229 -12.93 14.56 18.76
C THR A 229 -13.78 15.63 19.42
N ASP A 230 -13.36 16.89 19.45
CA ASP A 230 -14.23 17.92 20.02
C ASP A 230 -14.69 18.93 18.98
N THR A 231 -14.40 18.68 17.71
CA THR A 231 -14.84 19.54 16.62
C THR A 231 -16.20 19.17 16.04
N GLY A 232 -16.74 18.01 16.40
CA GLY A 232 -17.95 17.53 15.78
C GLY A 232 -17.70 16.72 14.51
N GLU A 233 -16.45 16.50 14.13
CA GLU A 233 -16.23 15.65 12.96
C GLU A 233 -16.18 14.17 13.33
N ILE A 234 -15.62 13.85 14.49
CA ILE A 234 -15.65 12.50 15.03
C ILE A 234 -15.93 12.58 16.52
N THR A 235 -16.50 11.51 17.06
CA THR A 235 -16.68 11.44 18.50
C THR A 235 -15.50 10.72 19.15
N PRO A 236 -15.35 10.86 20.47
CA PRO A 236 -14.23 10.18 21.16
C PRO A 236 -14.16 8.69 20.91
N ASP A 237 -15.31 8.00 20.80
CA ASP A 237 -15.26 6.56 20.57
C ASP A 237 -14.87 6.20 19.15
N GLU A 238 -14.81 7.16 18.23
CA GLU A 238 -14.30 6.88 16.89
C GLU A 238 -12.79 6.98 16.80
N ALA A 239 -12.16 7.75 17.69
CA ALA A 239 -10.74 8.02 17.55
C ALA A 239 -9.88 6.77 17.61
N PRO A 240 -10.08 5.82 18.54
CA PRO A 240 -9.20 4.64 18.55
C PRO A 240 -9.21 3.88 17.24
N LEU A 241 -10.37 3.70 16.59
CA LEU A 241 -10.38 2.96 15.34
C LEU A 241 -9.67 3.70 14.23
N LEU A 242 -9.63 5.05 14.29
CA LEU A 242 -8.90 5.79 13.27
C LEU A 242 -7.40 5.71 13.50
N VAL A 243 -6.97 5.70 14.78
CA VAL A 243 -5.58 5.36 15.05
C VAL A 243 -5.28 3.97 14.54
N ARG A 244 -6.22 3.03 14.74
CA ARG A 244 -6.02 1.67 14.24
C ARG A 244 -5.80 1.66 12.74
N SER A 245 -6.51 2.51 12.01
CA SER A 245 -6.30 2.61 10.57
C SER A 245 -4.86 2.95 10.23
N LEU A 246 -4.28 3.93 10.94
CA LEU A 246 -2.92 4.35 10.59
C LEU A 246 -1.91 3.25 10.94
N LEU A 247 -2.12 2.55 12.06
CA LEU A 247 -1.23 1.46 12.44
C LEU A 247 -1.40 0.24 11.54
N SER A 248 -2.56 0.08 10.89
CA SER A 248 -2.75 -1.02 9.96
C SER A 248 -2.14 -0.71 8.61
N ALA A 249 -2.37 0.51 8.14
CA ALA A 249 -2.18 0.89 6.74
C ALA A 249 -0.88 1.61 6.49
N GLY A 250 -0.22 2.11 7.52
CA GLY A 250 0.80 3.11 7.27
C GLY A 250 2.24 2.70 7.43
N LEU A 251 2.50 1.45 7.80
CA LEU A 251 3.88 0.99 7.98
C LEU A 251 4.31 0.00 6.91
N ASP A 252 3.65 -1.16 6.86
N ASP A 252 3.68 -1.17 6.83
CA ASP A 252 4.01 -2.23 5.92
CA ASP A 252 4.21 -2.16 5.89
C ASP A 252 3.93 -1.75 4.47
C ASP A 252 3.89 -1.82 4.43
N THR A 253 3.00 -0.86 4.17
CA THR A 253 2.86 -0.36 2.82
C THR A 253 4.11 0.40 2.41
N THR A 254 4.59 1.27 3.29
CA THR A 254 5.79 2.06 3.00
C THR A 254 7.03 1.17 2.96
N VAL A 255 7.09 0.13 3.79
CA VAL A 255 8.16 -0.84 3.70
C VAL A 255 8.23 -1.41 2.29
N ASN A 256 7.09 -1.85 1.77
CA ASN A 256 7.10 -2.43 0.44
C ASN A 256 7.25 -1.39 -0.66
N GLY A 257 6.81 -0.15 -0.44
CA GLY A 257 7.09 0.90 -1.40
C GLY A 257 8.57 1.22 -1.51
N ILE A 258 9.23 1.43 -0.36
CA ILE A 258 10.65 1.72 -0.38
C ILE A 258 11.44 0.53 -0.89
N GLY A 259 11.05 -0.69 -0.47
CA GLY A 259 11.68 -1.88 -1.00
C GLY A 259 11.54 -1.97 -2.51
N ALA A 260 10.36 -1.64 -3.03
CA ALA A 260 10.16 -1.63 -4.48
C ALA A 260 11.12 -0.65 -5.16
N ALA A 261 11.29 0.54 -4.58
CA ALA A 261 12.14 1.54 -5.21
C ALA A 261 13.59 1.10 -5.22
N VAL A 262 14.08 0.53 -4.11
CA VAL A 262 15.46 0.05 -4.09
C VAL A 262 15.64 -1.11 -5.06
N TYR A 263 14.67 -2.03 -5.10
CA TYR A 263 14.74 -3.13 -6.07
C TYR A 263 14.80 -2.61 -7.49
N CYS A 264 13.99 -1.58 -7.80
CA CYS A 264 14.02 -0.99 -9.12
C CYS A 264 15.38 -0.38 -9.42
N LEU A 265 15.93 0.37 -8.46
CA LEU A 265 17.23 0.99 -8.71
C LEU A 265 18.33 -0.05 -8.83
N ALA A 266 18.19 -1.18 -8.15
CA ALA A 266 19.17 -2.24 -8.24
C ALA A 266 19.10 -2.94 -9.60
N ARG A 267 17.90 -3.06 -10.17
CA ARG A 267 17.75 -3.76 -11.45
C ARG A 267 17.97 -2.86 -12.65
N PHE A 268 17.79 -1.56 -12.50
CA PHE A 268 17.86 -0.59 -13.61
C PHE A 268 18.95 0.42 -13.27
N PRO A 269 20.23 0.04 -13.36
CA PRO A 269 21.31 0.97 -12.98
C PRO A 269 21.32 2.26 -13.77
N GLY A 270 20.87 2.24 -15.03
CA GLY A 270 20.78 3.48 -15.79
C GLY A 270 19.87 4.49 -15.13
N GLU A 271 18.83 4.02 -14.45
CA GLU A 271 17.94 4.94 -13.75
C GLU A 271 18.54 5.41 -12.44
N LEU A 272 19.32 4.58 -11.76
CA LEU A 272 20.06 5.09 -10.61
C LEU A 272 21.01 6.21 -11.04
N GLN A 273 21.66 6.03 -12.19
CA GLN A 273 22.60 7.04 -12.65
CA GLN A 273 22.60 7.04 -12.65
C GLN A 273 21.90 8.36 -12.96
N ARG A 274 20.70 8.29 -13.56
CA ARG A 274 19.94 9.51 -13.81
C ARG A 274 19.54 10.16 -12.50
N LEU A 275 19.16 9.36 -11.51
CA LEU A 275 18.75 9.91 -10.22
C LEU A 275 19.93 10.58 -9.51
N ARG A 276 21.11 9.96 -9.54
CA ARG A 276 22.30 10.61 -9.00
C ARG A 276 22.54 11.95 -9.66
N SER A 277 22.36 12.02 -10.98
CA SER A 277 22.67 13.26 -11.68
C SER A 277 21.64 14.34 -11.42
N ASP A 278 20.41 14.00 -11.04
CA ASP A 278 19.43 15.01 -10.64
C ASP A 278 18.59 14.48 -9.48
N PRO A 279 19.06 14.70 -8.24
CA PRO A 279 18.33 14.18 -7.07
C PRO A 279 16.94 14.76 -6.91
N THR A 280 16.57 15.82 -7.64
CA THR A 280 15.19 16.29 -7.53
C THR A 280 14.22 15.36 -8.22
N LEU A 281 14.71 14.37 -8.97
CA LEU A 281 13.85 13.30 -9.47
C LEU A 281 13.44 12.30 -8.39
N ALA A 282 13.88 12.47 -7.14
CA ALA A 282 13.64 11.46 -6.10
C ALA A 282 12.16 11.19 -5.90
N ARG A 283 11.34 12.24 -5.85
CA ARG A 283 9.92 12.04 -5.58
C ARG A 283 9.27 11.27 -6.72
N ASN A 284 9.57 11.63 -7.97
CA ASN A 284 8.97 10.89 -9.08
C ASN A 284 9.58 9.51 -9.24
N ALA A 285 10.85 9.31 -8.86
CA ALA A 285 11.41 7.96 -8.90
C ALA A 285 10.67 7.04 -7.94
N PHE A 286 10.26 7.56 -6.80
CA PHE A 286 9.48 6.77 -5.86
C PHE A 286 8.07 6.52 -6.40
N GLU A 287 7.44 7.56 -6.98
CA GLU A 287 6.10 7.37 -7.54
C GLU A 287 6.12 6.33 -8.66
N GLU A 288 7.17 6.33 -9.47
CA GLU A 288 7.27 5.35 -10.54
C GLU A 288 7.48 3.97 -9.98
N ALA A 289 8.17 3.84 -8.83
CA ALA A 289 8.32 2.53 -8.21
C ALA A 289 6.98 2.04 -7.69
N VAL A 290 6.14 2.95 -7.19
CA VAL A 290 4.81 2.54 -6.73
C VAL A 290 3.99 2.05 -7.92
N ARG A 291 4.07 2.73 -9.07
CA ARG A 291 3.37 2.23 -10.25
C ARG A 291 3.92 0.88 -10.67
N PHE A 292 5.25 0.78 -10.76
CA PHE A 292 5.93 -0.35 -11.37
C PHE A 292 5.75 -1.63 -10.54
N GLU A 293 5.89 -1.53 -9.23
CA GLU A 293 5.70 -2.72 -8.42
C GLU A 293 4.31 -2.83 -7.81
N SER A 294 3.62 -1.71 -7.56
CA SER A 294 2.28 -1.71 -6.97
C SER A 294 2.25 -2.54 -5.68
N PRO A 295 2.86 -2.03 -4.61
CA PRO A 295 2.89 -2.77 -3.34
C PRO A 295 1.53 -3.27 -2.87
N VAL A 296 0.48 -2.46 -3.02
CA VAL A 296 -0.88 -2.93 -2.80
C VAL A 296 -1.39 -3.40 -4.15
N GLN A 297 -1.54 -4.71 -4.30
CA GLN A 297 -1.81 -5.29 -5.62
C GLN A 297 -3.29 -5.24 -5.99
N THR A 298 -4.18 -5.42 -5.01
CA THR A 298 -5.57 -5.76 -5.29
C THR A 298 -6.46 -5.20 -4.18
N PHE A 299 -7.69 -4.86 -4.54
CA PHE A 299 -8.75 -4.65 -3.57
C PHE A 299 -10.07 -5.03 -4.24
N PHE A 300 -11.06 -5.36 -3.42
CA PHE A 300 -12.39 -5.69 -3.90
C PHE A 300 -13.36 -4.52 -3.69
N ARG A 301 -14.46 -4.56 -4.44
CA ARG A 301 -15.69 -3.80 -4.16
C ARG A 301 -16.86 -4.77 -4.23
N THR A 302 -18.02 -4.33 -3.77
CA THR A 302 -19.25 -5.11 -3.88
C THR A 302 -20.32 -4.29 -4.59
N THR A 303 -20.97 -4.88 -5.60
CA THR A 303 -21.99 -4.13 -6.35
C THR A 303 -23.24 -3.94 -5.48
N THR A 304 -23.81 -2.73 -5.55
CA THR A 304 -25.03 -2.40 -4.81
C THR A 304 -26.28 -2.46 -5.67
N ARG A 305 -26.11 -2.70 -6.97
CA ARG A 305 -27.18 -2.83 -7.93
C ARG A 305 -26.65 -3.62 -9.10
N GLU A 306 -27.55 -4.07 -9.96
CA GLU A 306 -27.14 -4.55 -11.28
C GLU A 306 -26.47 -3.41 -12.04
N VAL A 307 -25.39 -3.71 -12.76
CA VAL A 307 -24.58 -2.68 -13.40
C VAL A 307 -23.97 -3.21 -14.69
N GLU A 308 -23.87 -2.35 -15.69
CA GLU A 308 -23.13 -2.64 -16.90
C GLU A 308 -21.72 -2.07 -16.77
N LEU A 309 -20.72 -2.93 -16.93
CA LEU A 309 -19.33 -2.51 -16.87
C LEU A 309 -18.59 -3.17 -18.03
N GLY A 310 -18.02 -2.37 -18.92
CA GLY A 310 -17.33 -2.91 -20.08
C GLY A 310 -18.14 -3.93 -20.85
N GLY A 311 -19.43 -3.66 -21.07
CA GLY A 311 -20.31 -4.53 -21.82
C GLY A 311 -20.95 -5.65 -21.02
N ALA A 312 -20.36 -6.04 -19.90
CA ALA A 312 -20.91 -7.12 -19.09
C ALA A 312 -21.96 -6.59 -18.11
N VAL A 313 -22.91 -7.45 -17.76
CA VAL A 313 -23.95 -7.14 -16.80
C VAL A 313 -23.65 -7.90 -15.53
N ILE A 314 -23.35 -7.17 -14.46
CA ILE A 314 -23.02 -7.75 -13.16
C ILE A 314 -24.22 -7.55 -12.25
N GLY A 315 -24.67 -8.63 -11.60
CA GLY A 315 -25.77 -8.53 -10.67
C GLY A 315 -25.42 -7.80 -9.39
N GLU A 316 -26.46 -7.50 -8.61
CA GLU A 316 -26.30 -6.92 -7.29
C GLU A 316 -25.59 -7.89 -6.35
N GLY A 317 -24.82 -7.33 -5.41
CA GLY A 317 -24.25 -8.14 -4.36
C GLY A 317 -23.11 -9.01 -4.81
N GLU A 318 -22.40 -8.61 -5.85
CA GLU A 318 -21.30 -9.39 -6.40
C GLU A 318 -19.98 -8.74 -6.04
N LYS A 319 -18.98 -9.57 -5.76
CA LYS A 319 -17.65 -9.04 -5.48
C LYS A 319 -16.91 -8.81 -6.80
N VAL A 320 -16.21 -7.67 -6.87
CA VAL A 320 -15.44 -7.29 -8.04
C VAL A 320 -14.01 -7.09 -7.56
N LEU A 321 -13.08 -7.89 -8.11
CA LEU A 321 -11.67 -7.80 -7.77
C LEU A 321 -10.96 -6.86 -8.74
N MET A 322 -10.36 -5.79 -8.19
CA MET A 322 -9.60 -4.82 -8.98
C MET A 322 -8.12 -5.15 -8.92
N PHE A 323 -7.51 -5.35 -10.09
CA PHE A 323 -6.07 -5.61 -10.16
C PHE A 323 -5.35 -4.27 -10.35
N LEU A 324 -4.97 -3.63 -9.23
CA LEU A 324 -4.29 -2.33 -9.31
C LEU A 324 -2.93 -2.46 -9.99
N GLY A 325 -2.17 -3.51 -9.66
CA GLY A 325 -0.87 -3.68 -10.28
C GLY A 325 -0.97 -3.92 -11.78
N SER A 326 -2.00 -4.65 -12.21
CA SER A 326 -2.21 -4.90 -13.63
C SER A 326 -2.61 -3.61 -14.35
N ALA A 327 -3.50 -2.83 -13.73
CA ALA A 327 -3.91 -1.56 -14.31
C ALA A 327 -2.70 -0.65 -14.51
N ASN A 328 -1.75 -0.72 -13.58
CA ASN A 328 -0.54 0.08 -13.66
C ASN A 328 0.44 -0.45 -14.68
N ARG A 329 0.20 -1.62 -15.28
CA ARG A 329 1.05 -2.11 -16.36
C ARG A 329 0.28 -2.30 -17.67
N ASP A 330 -0.90 -1.73 -17.77
CA ASP A 330 -1.76 -1.96 -18.93
C ASP A 330 -1.23 -1.16 -20.12
N PRO A 331 -0.81 -1.82 -21.22
CA PRO A 331 -0.32 -1.07 -22.38
C PRO A 331 -1.37 -0.24 -23.09
N ARG A 332 -2.66 -0.47 -22.81
CA ARG A 332 -3.71 0.42 -23.29
C ARG A 332 -3.61 1.82 -22.69
N ARG A 333 -2.98 1.95 -21.52
CA ARG A 333 -2.82 3.22 -20.83
C ARG A 333 -1.38 3.73 -20.82
N TRP A 334 -0.39 2.83 -20.69
CA TRP A 334 1.00 3.23 -20.47
C TRP A 334 1.88 2.84 -21.65
N SER A 335 2.78 3.74 -22.04
N SER A 335 2.78 3.74 -22.05
CA SER A 335 3.82 3.38 -22.99
CA SER A 335 3.83 3.38 -22.99
C SER A 335 4.95 2.66 -22.27
C SER A 335 4.95 2.65 -22.26
N ASP A 336 5.39 1.53 -22.83
CA ASP A 336 6.44 0.71 -22.24
C ASP A 336 6.14 0.45 -20.76
N PRO A 337 5.00 -0.13 -20.43
CA PRO A 337 4.60 -0.24 -19.02
C PRO A 337 5.56 -1.07 -18.19
N ASP A 338 6.30 -1.98 -18.80
CA ASP A 338 7.21 -2.85 -18.07
C ASP A 338 8.61 -2.26 -17.93
N LEU A 339 8.78 -0.99 -18.27
CA LEU A 339 10.02 -0.27 -18.02
C LEU A 339 9.87 0.64 -16.82
N TYR A 340 10.92 0.67 -15.99
CA TYR A 340 11.02 1.60 -14.87
C TYR A 340 11.66 2.90 -15.38
N ASP A 341 10.91 4.00 -15.35
CA ASP A 341 11.32 5.25 -15.97
C ASP A 341 11.06 6.39 -15.00
N ILE A 342 12.13 6.93 -14.41
CA ILE A 342 11.93 7.88 -13.31
C ILE A 342 11.49 9.26 -13.78
N THR A 343 11.47 9.53 -15.09
CA THR A 343 10.85 10.75 -15.57
C THR A 343 9.50 10.52 -16.24
N ARG A 344 8.94 9.32 -16.12
CA ARG A 344 7.59 9.05 -16.64
C ARG A 344 6.57 10.01 -16.04
N LYS A 345 5.61 10.44 -16.85
CA LYS A 345 4.43 11.13 -16.28
C LYS A 345 3.59 10.07 -15.58
N THR A 346 3.69 10.03 -14.25
CA THR A 346 3.06 8.97 -13.47
C THR A 346 1.67 9.31 -13.00
N SER A 347 1.22 10.56 -13.19
N SER A 347 1.22 10.55 -13.20
N SER A 347 1.22 10.56 -13.19
CA SER A 347 -0.09 10.96 -12.70
CA SER A 347 -0.09 10.96 -12.72
CA SER A 347 -0.09 10.96 -12.69
C SER A 347 -1.18 10.10 -13.31
C SER A 347 -1.18 10.09 -13.31
C SER A 347 -1.19 10.10 -13.30
N GLY A 348 -2.08 9.61 -12.45
CA GLY A 348 -3.14 8.73 -12.87
C GLY A 348 -2.90 7.27 -12.57
N HIS A 349 -1.69 6.87 -12.18
CA HIS A 349 -1.53 5.48 -11.72
C HIS A 349 -2.46 5.23 -10.53
N VAL A 350 -2.81 3.95 -10.33
CA VAL A 350 -3.76 3.59 -9.27
C VAL A 350 -3.08 2.83 -8.12
N GLY A 351 -1.76 2.98 -7.96
CA GLY A 351 -1.07 2.33 -6.85
C GLY A 351 -1.47 2.86 -5.49
N PHE A 352 -2.01 4.08 -5.42
CA PHE A 352 -2.64 4.61 -4.22
C PHE A 352 -4.16 4.63 -4.33
N GLY A 353 -4.74 3.93 -5.29
CA GLY A 353 -6.17 4.03 -5.50
C GLY A 353 -6.52 5.27 -6.32
N SER A 354 -7.80 5.63 -6.29
CA SER A 354 -8.32 6.73 -7.07
C SER A 354 -9.71 7.09 -6.54
N GLY A 355 -9.99 8.38 -6.45
CA GLY A 355 -11.32 8.77 -5.99
C GLY A 355 -11.42 9.00 -4.49
N VAL A 356 -12.59 8.68 -3.92
CA VAL A 356 -12.88 9.15 -2.56
C VAL A 356 -12.03 8.44 -1.51
N HIS A 357 -11.59 7.22 -1.80
CA HIS A 357 -10.76 6.45 -0.86
C HIS A 357 -9.28 6.54 -1.18
N MET A 358 -8.89 7.35 -2.17
N MET A 358 -8.89 7.32 -2.18
CA MET A 358 -7.48 7.41 -2.57
CA MET A 358 -7.48 7.37 -2.59
C MET A 358 -6.60 7.67 -1.37
C MET A 358 -6.60 7.67 -1.39
N CYS A 359 -5.50 6.91 -1.26
CA CYS A 359 -4.73 6.81 -0.03
C CYS A 359 -4.61 8.09 0.77
N VAL A 360 -5.23 8.12 1.97
CA VAL A 360 -5.19 9.34 2.75
C VAL A 360 -3.81 9.59 3.32
N GLY A 361 -2.97 8.57 3.38
CA GLY A 361 -1.60 8.76 3.84
C GLY A 361 -0.58 8.95 2.72
N GLN A 362 -1.01 9.26 1.50
CA GLN A 362 -0.08 9.33 0.38
C GLN A 362 1.01 10.38 0.58
N LEU A 363 0.72 11.45 1.32
CA LEU A 363 1.77 12.46 1.54
C LEU A 363 2.86 11.94 2.48
N VAL A 364 2.50 11.12 3.47
CA VAL A 364 3.50 10.49 4.32
C VAL A 364 4.32 9.48 3.53
N ALA A 365 3.65 8.63 2.75
CA ALA A 365 4.35 7.65 1.94
C ALA A 365 5.35 8.32 1.01
N ARG A 366 4.92 9.38 0.32
CA ARG A 366 5.80 10.05 -0.63
C ARG A 366 6.95 10.74 0.08
N LEU A 367 6.69 11.31 1.27
CA LEU A 367 7.76 11.94 2.02
C LEU A 367 8.86 10.94 2.38
N GLU A 368 8.47 9.80 2.97
CA GLU A 368 9.44 8.75 3.29
C GLU A 368 10.19 8.29 2.06
N GLY A 369 9.45 7.97 0.99
CA GLY A 369 10.10 7.53 -0.23
C GLY A 369 11.05 8.57 -0.80
N GLU A 370 10.59 9.83 -0.86
CA GLU A 370 11.43 10.89 -1.44
C GLU A 370 12.72 11.06 -0.65
N VAL A 371 12.63 11.18 0.68
CA VAL A 371 13.85 11.48 1.41
C VAL A 371 14.80 10.28 1.42
N MET A 372 14.29 9.06 1.34
CA MET A 372 15.21 7.91 1.24
C MET A 372 15.89 7.89 -0.11
N LEU A 373 15.12 8.10 -1.19
CA LEU A 373 15.75 8.12 -2.51
C LEU A 373 16.68 9.31 -2.67
N SER A 374 16.42 10.43 -1.99
CA SER A 374 17.34 11.55 -2.02
C SER A 374 18.67 11.17 -1.36
N ALA A 375 18.60 10.55 -0.17
CA ALA A 375 19.80 10.06 0.50
C ALA A 375 20.58 9.11 -0.40
N LEU A 376 19.90 8.16 -1.05
CA LEU A 376 20.60 7.26 -1.97
C LEU A 376 21.19 8.03 -3.13
N ALA A 377 20.44 8.98 -3.67
CA ALA A 377 20.91 9.74 -4.83
C ALA A 377 22.19 10.50 -4.51
N ARG A 378 22.32 11.01 -3.29
CA ARG A 378 23.47 11.83 -2.94
C ARG A 378 24.65 11.03 -2.41
N LYS A 379 24.42 9.84 -1.88
CA LYS A 379 25.45 9.14 -1.12
C LYS A 379 25.95 7.84 -1.75
N VAL A 380 25.23 7.27 -2.71
CA VAL A 380 25.52 5.95 -3.24
C VAL A 380 25.84 6.04 -4.72
N ALA A 381 26.89 5.33 -5.15
CA ALA A 381 27.28 5.29 -6.55
C ALA A 381 26.73 4.08 -7.28
N ALA A 382 26.56 2.95 -6.60
CA ALA A 382 26.08 1.74 -7.24
C ALA A 382 25.31 0.91 -6.22
N ILE A 383 24.34 0.16 -6.72
CA ILE A 383 23.55 -0.79 -5.93
C ILE A 383 23.57 -2.09 -6.71
N ASP A 384 24.29 -3.09 -6.20
CA ASP A 384 24.47 -4.35 -6.90
C ASP A 384 23.90 -5.47 -6.07
N ILE A 385 22.97 -6.23 -6.65
CA ILE A 385 22.47 -7.41 -5.97
C ILE A 385 23.62 -8.40 -5.83
N ASP A 386 23.79 -8.95 -4.62
CA ASP A 386 24.94 -9.81 -4.38
C ASP A 386 24.57 -11.02 -3.52
N GLY A 387 23.33 -11.48 -3.63
CA GLY A 387 22.87 -12.65 -2.92
C GLY A 387 21.52 -13.07 -3.45
N PRO A 388 21.01 -14.19 -2.95
CA PRO A 388 19.71 -14.69 -3.41
C PRO A 388 18.58 -13.74 -3.02
N VAL A 389 17.75 -13.40 -3.98
CA VAL A 389 16.56 -12.58 -3.74
C VAL A 389 15.43 -13.51 -3.31
N LYS A 390 14.75 -13.16 -2.22
CA LYS A 390 13.66 -13.96 -1.68
C LYS A 390 12.38 -13.13 -1.66
N ARG A 391 11.31 -13.66 -2.25
CA ARG A 391 10.03 -12.98 -2.26
C ARG A 391 9.24 -13.27 -0.98
N ARG A 392 8.44 -12.29 -0.56
CA ARG A 392 7.53 -12.40 0.57
C ARG A 392 6.12 -12.54 0.02
N PHE A 393 5.35 -13.51 0.54
CA PHE A 393 4.02 -13.80 0.02
C PHE A 393 2.95 -13.26 0.95
N ASN A 394 2.01 -12.50 0.39
CA ASN A 394 0.91 -11.92 1.16
C ASN A 394 -0.28 -11.78 0.21
N ASN A 395 -1.50 -11.97 0.73
CA ASN A 395 -2.65 -12.01 -0.17
C ASN A 395 -2.90 -10.68 -0.86
N THR A 396 -2.40 -9.58 -0.30
CA THR A 396 -2.64 -8.24 -0.86
C THR A 396 -1.35 -7.50 -1.20
N LEU A 397 -0.28 -7.68 -0.42
CA LEU A 397 0.95 -6.92 -0.64
C LEU A 397 1.95 -7.69 -1.51
N ARG A 398 2.65 -6.95 -2.37
CA ARG A 398 3.73 -7.51 -3.18
C ARG A 398 5.04 -6.89 -2.70
N GLY A 399 6.01 -7.73 -2.39
CA GLY A 399 7.30 -7.21 -1.95
C GLY A 399 8.24 -8.35 -1.66
N LEU A 400 9.46 -7.98 -1.30
CA LEU A 400 10.51 -8.97 -1.06
C LEU A 400 10.69 -9.25 0.42
N GLU A 401 11.14 -10.46 0.72
CA GLU A 401 11.58 -10.84 2.06
C GLU A 401 13.03 -10.48 2.28
N SER A 402 13.87 -10.67 1.26
CA SER A 402 15.30 -10.42 1.41
C SER A 402 15.86 -9.91 0.09
N LEU A 403 16.68 -8.86 0.15
CA LEU A 403 17.26 -8.24 -1.04
C LEU A 403 18.72 -7.91 -0.72
N PRO A 404 19.62 -8.89 -0.80
CA PRO A 404 21.03 -8.62 -0.50
C PRO A 404 21.64 -7.72 -1.56
N VAL A 405 22.22 -6.61 -1.12
CA VAL A 405 22.86 -5.68 -2.05
C VAL A 405 24.17 -5.20 -1.47
N LYS A 406 25.10 -4.89 -2.36
CA LYS A 406 26.30 -4.14 -2.03
C LYS A 406 26.05 -2.69 -2.42
N LEU A 407 26.21 -1.77 -1.45
CA LEU A 407 26.16 -0.34 -1.71
C LEU A 407 27.58 0.19 -1.88
N THR A 408 27.87 0.78 -3.04
CA THR A 408 29.16 1.47 -3.21
C THR A 408 28.99 2.95 -2.92
N PRO A 409 29.84 3.54 -2.09
CA PRO A 409 29.69 4.97 -1.78
C PRO A 409 30.08 5.85 -2.95
N ALA A 410 29.43 7.02 -3.00
CA ALA A 410 29.71 8.02 -4.03
C ALA A 410 31.12 8.58 -3.91
#